data_3VMW
#
_entry.id   3VMW
#
_cell.length_a   137.902
_cell.length_b   48.174
_cell.length_c   52.470
_cell.angle_alpha   90.00
_cell.angle_beta   90.00
_cell.angle_gamma   90.00
#
_symmetry.space_group_name_H-M   'P 21 21 2'
#
loop_
_entity.id
_entity.type
_entity.pdbx_description
1 polymer 'Pectate lyase'
2 branched 'alpha-D-galactopyranuronic acid-(1-4)-alpha-D-galactopyranuronic acid-(1-4)-alpha-D-galactopyranuronic acid'
3 non-polymer 'SULFATE ION'
4 water water
#
_entity_poly.entity_id   1
_entity_poly.type   'polypeptide(L)'
_entity_poly.pdbx_seq_one_letter_code
;SNGPQGYASMNGGTTGGAGGRVEYASTGAQIQQLIDNRSRSNNPDEPLTIYVNGTITQGNSPQSLIDVKNHRGKAHEIKN
ISIIGVGTNGEFDGIGIRLSNAHNIIIQNVSIHHVREGEGTAIEVTDDSKNVWIDHNEFYSEFPGNGDSDYYDGLVDMKR
NAEYITVSWNKFENHWKTMLVGHTDNASLAPDKITYHHNYFNNLNSRVPLIRYADVHMFNNYFKDINDTAINSRVGARVF
VENNYFDNVGSGQADPTTGFIKGPVGWFYGSPSTGYWNLRGNVFVNTPNSHLNSTTNFTPPYSYQVQSATQAKSSVEQHS
GVGVIN
;
_entity_poly.pdbx_strand_id   A
#
# COMPACT_ATOMS: atom_id res chain seq x y z
N GLY A 3 9.48 13.77 6.21
CA GLY A 3 8.11 13.34 5.93
C GLY A 3 7.91 12.78 4.54
N PRO A 4 6.66 12.41 4.20
CA PRO A 4 6.45 11.76 2.90
C PRO A 4 6.52 12.68 1.69
N GLN A 5 6.92 12.13 0.56
CA GLN A 5 6.80 12.81 -0.72
C GLN A 5 5.40 12.44 -1.21
N GLY A 6 4.84 13.24 -2.10
CA GLY A 6 3.60 12.87 -2.76
C GLY A 6 2.32 13.20 -1.98
N TYR A 7 1.29 12.42 -2.25
CA TYR A 7 -0.01 12.84 -1.86
C TYR A 7 -0.19 12.92 -0.34
N ALA A 8 0.51 12.10 0.42
CA ALA A 8 0.37 12.20 1.87
C ALA A 8 0.95 13.52 2.41
N SER A 9 1.67 14.25 1.56
CA SER A 9 2.26 15.50 2.01
C SER A 9 1.26 16.64 1.86
N MET A 10 0.20 16.37 1.11
CA MET A 10 -0.86 17.36 0.88
C MET A 10 -1.90 17.27 1.98
N ASN A 11 -2.90 18.14 1.90
CA ASN A 11 -4.01 18.11 2.85
C ASN A 11 -3.51 18.27 4.31
N GLY A 12 -2.46 19.07 4.50
CA GLY A 12 -1.92 19.34 5.83
C GLY A 12 -0.69 18.50 6.19
N GLY A 13 -0.35 17.54 5.35
CA GLY A 13 0.84 16.73 5.55
C GLY A 13 0.62 15.54 6.46
N THR A 14 1.64 14.71 6.61
CA THR A 14 1.56 13.56 7.51
C THR A 14 2.72 13.48 8.49
N THR A 15 2.43 13.57 9.78
CA THR A 15 3.46 13.50 10.81
C THR A 15 3.21 12.33 11.76
N GLY A 16 2.10 11.62 11.56
CA GLY A 16 1.72 10.56 12.47
C GLY A 16 1.77 10.96 13.94
N GLY A 17 2.51 10.21 14.73
CA GLY A 17 2.46 10.42 16.16
C GLY A 17 3.68 11.18 16.64
N ALA A 18 4.36 11.92 15.74
CA ALA A 18 5.53 12.71 16.13
C ALA A 18 5.10 13.73 17.16
N GLY A 19 5.98 14.03 18.10
CA GLY A 19 5.78 15.13 19.03
C GLY A 19 4.82 14.85 20.17
N GLY A 20 4.57 13.57 20.47
CA GLY A 20 3.67 13.22 21.56
C GLY A 20 4.25 12.14 22.45
N ARG A 21 3.42 11.20 22.83
CA ARG A 21 3.82 10.10 23.70
C ARG A 21 4.53 9.00 22.93
N VAL A 22 5.44 8.32 23.60
CA VAL A 22 6.15 7.19 23.03
C VAL A 22 5.89 5.93 23.84
N GLU A 23 5.58 4.82 23.18
CA GLU A 23 5.34 3.55 23.89
C GLU A 23 6.02 2.40 23.17
N TYR A 24 6.42 1.37 23.92
CA TYR A 24 6.85 0.11 23.30
C TYR A 24 5.78 -0.97 23.48
N ALA A 25 5.59 -1.80 22.47
CA ALA A 25 4.65 -2.90 22.60
C ALA A 25 5.27 -4.14 21.96
N SER A 26 4.98 -5.26 22.58
CA SER A 26 5.49 -6.54 22.13
C SER A 26 4.35 -7.50 21.90
N THR A 27 3.12 -7.04 22.10
CA THR A 27 1.96 -7.88 21.80
C THR A 27 0.84 -7.06 21.15
N GLY A 28 -0.05 -7.73 20.44
CA GLY A 28 -1.14 -7.01 19.82
C GLY A 28 -2.06 -6.45 20.90
N ALA A 29 -2.16 -7.16 22.02
CA ALA A 29 -3.01 -6.69 23.12
C ALA A 29 -2.50 -5.34 23.63
N GLN A 30 -1.19 -5.19 23.74
CA GLN A 30 -0.65 -3.92 24.20
C GLN A 30 -0.92 -2.81 23.17
N ILE A 31 -0.77 -3.14 21.90
CA ILE A 31 -1.04 -2.15 20.84
C ILE A 31 -2.51 -1.72 20.90
N GLN A 32 -3.40 -2.70 20.97
CA GLN A 32 -4.83 -2.38 20.92
C GLN A 32 -5.24 -1.61 22.17
N GLN A 33 -4.70 -2.01 23.32
CA GLN A 33 -5.01 -1.33 24.56
C GLN A 33 -4.52 0.14 24.55
N LEU A 34 -3.33 0.39 24.01
CA LEU A 34 -2.83 1.76 23.85
C LEU A 34 -3.74 2.65 22.99
N ILE A 35 -4.13 2.13 21.83
CA ILE A 35 -5.09 2.79 20.96
C ILE A 35 -6.43 3.04 21.69
N ASP A 36 -6.96 2.01 22.34
CA ASP A 36 -8.30 2.16 22.93
C ASP A 36 -8.27 3.05 24.18
N ASN A 37 -7.23 2.91 25.00
CA ASN A 37 -7.09 3.74 26.17
C ASN A 37 -7.01 5.21 25.78
N ARG A 38 -6.21 5.52 24.76
CA ARG A 38 -6.09 6.91 24.35
C ARG A 38 -7.42 7.43 23.88
N SER A 39 -8.14 6.60 23.10
CA SER A 39 -9.39 7.02 22.54
C SER A 39 -10.42 7.36 23.62
N ARG A 40 -10.38 6.64 24.72
CA ARG A 40 -11.27 6.91 25.84
C ARG A 40 -10.81 8.07 26.74
N SER A 41 -9.59 8.57 26.55
CA SER A 41 -9.01 9.55 27.46
C SER A 41 -9.54 10.95 27.20
N ASN A 42 -9.09 11.90 28.03
CA ASN A 42 -9.46 13.30 27.90
C ASN A 42 -8.74 13.99 26.74
N ASN A 43 -7.73 13.33 26.18
CA ASN A 43 -6.96 13.87 25.06
C ASN A 43 -6.78 12.84 23.96
N PRO A 44 -7.88 12.46 23.29
CA PRO A 44 -7.78 11.32 22.37
C PRO A 44 -6.90 11.58 21.16
N ASP A 45 -6.60 12.84 20.88
CA ASP A 45 -5.84 13.20 19.66
C ASP A 45 -4.36 13.45 19.94
N GLU A 46 -3.92 13.27 21.19
CA GLU A 46 -2.50 13.44 21.53
C GLU A 46 -1.63 12.48 20.72
N PRO A 47 -0.62 13.00 20.00
CA PRO A 47 0.17 12.12 19.12
C PRO A 47 0.78 10.96 19.89
N LEU A 48 0.70 9.79 19.28
CA LEU A 48 1.15 8.57 19.93
C LEU A 48 2.03 7.78 18.98
N THR A 49 3.24 7.47 19.40
CA THR A 49 4.13 6.62 18.63
C THR A 49 4.30 5.30 19.36
N ILE A 50 3.94 4.21 18.71
CA ILE A 50 4.10 2.88 19.29
C ILE A 50 5.23 2.18 18.57
N TYR A 51 6.30 1.86 19.32
CA TYR A 51 7.41 1.12 18.78
C TYR A 51 7.17 -0.37 18.98
N VAL A 52 7.14 -1.09 17.86
CA VAL A 52 6.86 -2.51 17.92
C VAL A 52 8.14 -3.32 18.00
N ASN A 53 8.29 -4.01 19.12
CA ASN A 53 9.49 -4.80 19.36
C ASN A 53 9.12 -6.19 19.90
N GLY A 54 8.83 -7.10 18.99
CA GLY A 54 8.37 -8.44 19.29
C GLY A 54 7.52 -8.86 18.09
N THR A 55 6.96 -10.06 18.15
CA THR A 55 6.15 -10.61 17.07
C THR A 55 4.70 -10.52 17.50
N ILE A 56 3.93 -9.71 16.77
CA ILE A 56 2.50 -9.53 17.03
C ILE A 56 1.80 -10.68 16.30
N THR A 57 0.91 -11.38 16.99
CA THR A 57 0.25 -12.55 16.41
C THR A 57 -1.24 -12.56 16.75
N GLN A 58 -1.99 -13.49 16.14
CA GLN A 58 -3.37 -13.77 16.54
C GLN A 58 -3.38 -14.18 18.02
N GLY A 59 -2.44 -15.05 18.38
CA GLY A 59 -2.39 -15.59 19.71
C GLY A 59 -2.15 -14.56 20.81
N ASN A 60 -1.51 -13.43 20.49
CA ASN A 60 -1.27 -12.37 21.48
C ASN A 60 -2.04 -11.06 21.27
N SER A 61 -3.06 -11.12 20.42
CA SER A 61 -3.92 -9.97 20.10
C SER A 61 -5.38 -10.27 20.49
N PRO A 62 -6.14 -9.23 20.91
CA PRO A 62 -7.51 -9.51 21.40
C PRO A 62 -8.57 -9.61 20.29
N GLN A 63 -8.25 -9.16 19.09
CA GLN A 63 -9.15 -9.21 17.92
C GLN A 63 -8.31 -9.77 16.79
N SER A 64 -8.96 -10.20 15.71
CA SER A 64 -8.32 -10.81 14.53
C SER A 64 -7.52 -9.87 13.65
N LEU A 65 -7.57 -8.57 13.98
CA LEU A 65 -6.72 -7.60 13.33
C LEU A 65 -6.40 -6.51 14.34
N ILE A 66 -5.43 -5.69 14.02
CA ILE A 66 -5.08 -4.54 14.82
C ILE A 66 -5.95 -3.37 14.37
N ASP A 67 -6.85 -2.94 15.27
CA ASP A 67 -8.00 -2.09 14.90
C ASP A 67 -7.64 -0.64 15.18
N VAL A 68 -7.12 0.05 14.17
CA VAL A 68 -6.86 1.50 14.30
C VAL A 68 -8.13 2.25 13.94
N LYS A 69 -8.99 2.39 14.94
CA LYS A 69 -10.34 2.89 14.74
C LYS A 69 -10.72 3.52 16.04
N ASN A 70 -11.48 4.59 15.97
CA ASN A 70 -12.00 5.21 17.20
C ASN A 70 -12.83 4.19 17.96
N HIS A 71 -12.70 4.19 19.28
CA HIS A 71 -13.36 3.18 20.11
C HIS A 71 -14.89 3.23 20.00
N ARG A 72 -15.46 4.42 19.76
CA ARG A 72 -16.93 4.52 19.66
C ARG A 72 -17.41 3.87 18.37
N GLY A 73 -16.57 3.89 17.35
CA GLY A 73 -16.98 3.44 16.01
C GLY A 73 -16.37 4.25 14.88
N LYS A 74 -16.48 3.73 13.65
CA LYS A 74 -15.82 4.32 12.50
C LYS A 74 -16.38 5.69 12.09
N ALA A 75 -17.54 6.07 12.61
CA ALA A 75 -18.10 7.39 12.28
C ALA A 75 -17.21 8.54 12.80
N HIS A 76 -16.38 8.23 13.80
CA HIS A 76 -15.57 9.24 14.47
C HIS A 76 -14.14 9.04 14.03
N GLU A 77 -13.38 10.12 13.91
CA GLU A 77 -11.97 9.98 13.50
C GLU A 77 -11.07 9.45 14.60
N ILE A 78 -10.03 8.74 14.20
CA ILE A 78 -8.88 8.50 15.08
C ILE A 78 -7.70 9.15 14.38
N LYS A 79 -6.82 9.81 15.14
CA LYS A 79 -5.75 10.63 14.53
C LYS A 79 -4.36 10.50 15.17
N ASN A 80 -3.33 10.87 14.41
CA ASN A 80 -2.00 11.14 14.96
C ASN A 80 -1.31 9.96 15.62
N ILE A 81 -1.06 8.92 14.86
CA ILE A 81 -0.42 7.74 15.41
C ILE A 81 0.70 7.36 14.47
N SER A 82 1.80 6.91 15.05
CA SER A 82 2.84 6.21 14.28
C SER A 82 3.00 4.85 14.88
N ILE A 83 3.07 3.85 14.01
CA ILE A 83 3.41 2.49 14.41
C ILE A 83 4.73 2.15 13.73
N ILE A 84 5.78 2.00 14.52
CA ILE A 84 7.14 1.91 13.97
C ILE A 84 7.85 0.71 14.54
N GLY A 85 8.40 -0.12 13.66
CA GLY A 85 9.18 -1.25 14.10
C GLY A 85 10.55 -0.88 14.60
N VAL A 86 11.04 -1.67 15.55
CA VAL A 86 12.39 -1.49 16.12
C VAL A 86 13.37 -2.44 15.42
N GLY A 87 14.38 -1.89 14.73
CA GLY A 87 15.33 -2.70 14.01
C GLY A 87 14.58 -3.62 13.03
N THR A 88 14.91 -4.91 13.08
CA THR A 88 14.26 -5.87 12.20
C THR A 88 13.25 -6.67 13.02
N ASN A 89 12.90 -6.11 14.18
CA ASN A 89 12.02 -6.81 15.12
C ASN A 89 10.59 -6.33 15.21
N GLY A 90 10.14 -5.52 14.26
CA GLY A 90 8.76 -5.09 14.32
C GLY A 90 7.93 -6.00 13.44
N GLU A 91 7.52 -7.15 13.97
CA GLU A 91 6.94 -8.16 13.11
C GLU A 91 5.48 -8.45 13.47
N PHE A 92 4.62 -8.48 12.45
CA PHE A 92 3.21 -8.89 12.58
C PHE A 92 3.08 -10.15 11.76
N ASP A 93 2.96 -11.29 12.44
CA ASP A 93 2.93 -12.57 11.77
C ASP A 93 1.51 -13.13 11.83
N GLY A 94 0.83 -13.13 10.69
CA GLY A 94 -0.52 -13.68 10.60
C GLY A 94 -1.60 -12.73 11.13
N ILE A 95 -1.25 -11.47 11.36
CA ILE A 95 -2.28 -10.49 11.75
C ILE A 95 -1.95 -9.15 11.12
N GLY A 96 -2.95 -8.53 10.53
CA GLY A 96 -2.76 -7.28 9.82
C GLY A 96 -3.33 -6.10 10.57
N ILE A 97 -3.15 -4.92 9.98
CA ILE A 97 -3.58 -3.67 10.59
C ILE A 97 -4.73 -3.11 9.76
N ARG A 98 -5.78 -2.63 10.43
CA ARG A 98 -6.86 -1.93 9.70
C ARG A 98 -6.95 -0.46 10.13
N LEU A 99 -6.87 0.46 9.17
CA LEU A 99 -7.12 1.88 9.45
C LEU A 99 -8.56 2.21 9.04
N SER A 100 -9.38 2.61 10.02
CA SER A 100 -10.76 3.02 9.71
C SER A 100 -10.98 4.46 10.16
N ASN A 101 -11.26 5.31 9.19
CA ASN A 101 -11.45 6.74 9.44
C ASN A 101 -10.28 7.26 10.28
N ALA A 102 -9.08 6.85 9.87
CA ALA A 102 -7.84 7.18 10.60
C ALA A 102 -7.11 8.26 9.81
N HIS A 103 -6.71 9.31 10.51
CA HIS A 103 -6.13 10.50 9.88
C HIS A 103 -4.76 10.79 10.48
N ASN A 104 -3.80 11.07 9.60
CA ASN A 104 -2.44 11.39 10.03
C ASN A 104 -1.81 10.20 10.74
N ILE A 105 -1.52 9.17 9.95
CA ILE A 105 -1.06 7.90 10.45
C ILE A 105 0.20 7.51 9.70
N ILE A 106 1.21 7.05 10.44
CA ILE A 106 2.44 6.51 9.83
C ILE A 106 2.60 5.05 10.25
N ILE A 107 2.81 4.19 9.26
CA ILE A 107 3.17 2.81 9.54
C ILE A 107 4.53 2.57 8.87
N GLN A 108 5.54 2.23 9.65
CA GLN A 108 6.92 2.29 9.16
C GLN A 108 7.84 1.24 9.77
N ASN A 109 8.73 0.69 8.97
CA ASN A 109 9.71 -0.28 9.45
C ASN A 109 9.10 -1.51 10.14
N VAL A 110 7.97 -2.00 9.63
CA VAL A 110 7.45 -3.28 10.14
C VAL A 110 7.37 -4.32 9.03
N SER A 111 7.37 -5.58 9.42
CA SER A 111 7.07 -6.70 8.51
C SER A 111 5.71 -7.27 8.86
N ILE A 112 4.84 -7.39 7.85
CA ILE A 112 3.52 -7.90 8.09
C ILE A 112 3.33 -8.95 7.04
N HIS A 113 3.00 -10.18 7.44
CA HIS A 113 3.07 -11.28 6.50
C HIS A 113 2.12 -12.43 6.84
N HIS A 114 1.80 -13.22 5.83
CA HIS A 114 0.94 -14.39 6.02
C HIS A 114 -0.40 -14.08 6.70
N VAL A 115 -0.97 -12.93 6.39
CA VAL A 115 -2.21 -12.54 7.01
C VAL A 115 -3.39 -13.21 6.30
N ARG A 116 -4.00 -14.20 6.97
CA ARG A 116 -5.19 -14.86 6.46
C ARG A 116 -6.48 -14.43 7.20
N GLU A 117 -6.39 -14.33 8.53
CA GLU A 117 -7.55 -14.00 9.34
C GLU A 117 -7.82 -12.50 9.39
N GLY A 118 -8.95 -12.10 9.97
CA GLY A 118 -9.34 -10.70 9.93
C GLY A 118 -9.85 -10.35 8.54
N GLU A 119 -9.30 -9.31 7.94
CA GLU A 119 -9.58 -8.97 6.54
C GLU A 119 -8.65 -9.79 5.60
N GLY A 120 -7.74 -10.60 6.17
CA GLY A 120 -6.73 -11.30 5.39
C GLY A 120 -5.81 -10.35 4.60
N THR A 121 -5.65 -9.13 5.08
CA THR A 121 -4.75 -8.21 4.41
C THR A 121 -3.80 -7.48 5.35
N ALA A 122 -2.56 -7.28 4.89
CA ALA A 122 -1.51 -6.79 5.79
C ALA A 122 -1.83 -5.38 6.29
N ILE A 123 -2.19 -4.46 5.39
CA ILE A 123 -2.70 -3.16 5.81
C ILE A 123 -3.90 -2.76 4.97
N GLU A 124 -5.02 -2.53 5.63
CA GLU A 124 -6.28 -2.16 4.96
C GLU A 124 -6.53 -0.72 5.33
N VAL A 125 -6.70 0.15 4.34
CA VAL A 125 -6.89 1.59 4.60
C VAL A 125 -8.30 1.94 4.10
N THR A 126 -9.22 2.23 5.02
CA THR A 126 -10.64 2.25 4.66
C THR A 126 -11.44 3.32 5.44
N ASP A 127 -12.74 3.38 5.18
CA ASP A 127 -13.66 4.29 5.87
C ASP A 127 -13.15 5.73 5.93
N ASP A 128 -12.75 6.28 4.78
CA ASP A 128 -12.38 7.70 4.68
C ASP A 128 -11.13 8.07 5.48
N SER A 129 -10.23 7.10 5.67
CA SER A 129 -8.92 7.43 6.23
C SER A 129 -8.17 8.38 5.28
N LYS A 130 -7.41 9.32 5.84
CA LYS A 130 -6.65 10.28 5.01
C LYS A 130 -5.30 10.60 5.66
N ASN A 131 -4.32 10.92 4.82
CA ASN A 131 -3.01 11.34 5.28
C ASN A 131 -2.33 10.19 5.99
N VAL A 132 -1.95 9.22 5.18
CA VAL A 132 -1.40 7.98 5.70
C VAL A 132 -0.12 7.75 4.92
N TRP A 133 0.94 7.42 5.64
CA TRP A 133 2.24 7.16 5.05
C TRP A 133 2.67 5.77 5.42
N ILE A 134 2.80 4.89 4.41
CA ILE A 134 3.19 3.51 4.67
C ILE A 134 4.59 3.36 4.09
N ASP A 135 5.60 3.28 4.96
CA ASP A 135 6.98 3.50 4.52
C ASP A 135 7.96 2.46 5.04
N HIS A 136 8.84 1.95 4.17
CA HIS A 136 9.94 1.10 4.65
C HIS A 136 9.44 -0.13 5.43
N ASN A 137 8.37 -0.75 4.94
CA ASN A 137 7.88 -2.00 5.50
C ASN A 137 8.17 -3.17 4.55
N GLU A 138 7.94 -4.38 5.05
CA GLU A 138 8.02 -5.58 4.20
C GLU A 138 6.70 -6.36 4.30
N PHE A 139 6.11 -6.68 3.15
CA PHE A 139 4.83 -7.36 3.10
C PHE A 139 4.95 -8.61 2.22
N TYR A 140 4.46 -9.75 2.70
CA TYR A 140 4.53 -10.97 1.89
C TYR A 140 3.58 -12.04 2.39
N SER A 141 3.35 -13.05 1.54
CA SER A 141 2.70 -14.27 1.98
C SER A 141 3.39 -15.44 1.24
N GLU A 142 2.69 -16.09 0.31
CA GLU A 142 3.32 -17.09 -0.55
C GLU A 142 2.80 -16.95 -1.98
N PHE A 143 3.64 -17.26 -2.96
CA PHE A 143 3.21 -17.34 -4.35
C PHE A 143 4.17 -18.27 -5.07
N PRO A 144 3.66 -19.38 -5.68
CA PRO A 144 2.25 -19.76 -5.80
C PRO A 144 1.64 -20.31 -4.51
N GLY A 145 2.47 -20.62 -3.53
CA GLY A 145 1.96 -21.21 -2.31
C GLY A 145 1.14 -22.44 -2.66
N ASN A 146 -0.03 -22.58 -2.03
CA ASN A 146 -0.87 -23.75 -2.31
C ASN A 146 -1.75 -23.59 -3.54
N GLY A 147 -1.53 -22.54 -4.34
CA GLY A 147 -2.28 -22.37 -5.57
C GLY A 147 -3.61 -21.64 -5.47
N ASP A 148 -3.99 -21.27 -4.26
CA ASP A 148 -5.26 -20.55 -4.02
C ASP A 148 -4.99 -19.07 -3.85
N SER A 149 -5.37 -18.27 -4.85
CA SER A 149 -5.12 -16.83 -4.88
C SER A 149 -5.84 -16.08 -3.76
N ASP A 150 -6.87 -16.72 -3.21
CA ASP A 150 -7.71 -16.09 -2.18
C ASP A 150 -7.40 -16.56 -0.77
N TYR A 151 -6.45 -17.48 -0.61
CA TYR A 151 -6.11 -17.98 0.72
C TYR A 151 -5.69 -16.84 1.65
N TYR A 152 -4.79 -16.01 1.14
CA TYR A 152 -4.51 -14.71 1.76
C TYR A 152 -5.21 -13.71 0.86
N ASP A 153 -5.55 -12.53 1.39
CA ASP A 153 -6.21 -11.54 0.59
C ASP A 153 -5.17 -10.54 0.08
N GLY A 154 -5.17 -9.30 0.56
CA GLY A 154 -4.26 -8.32 -0.05
C GLY A 154 -3.04 -8.06 0.82
N LEU A 155 -2.09 -7.30 0.29
CA LEU A 155 -0.99 -6.80 1.13
C LEU A 155 -1.35 -5.38 1.57
N VAL A 156 -1.50 -4.43 0.63
CA VAL A 156 -1.97 -3.11 1.02
C VAL A 156 -3.19 -2.74 0.17
N ASP A 157 -4.36 -2.65 0.80
CA ASP A 157 -5.60 -2.35 0.05
C ASP A 157 -6.18 -1.05 0.54
N MET A 158 -6.76 -0.27 -0.36
CA MET A 158 -7.37 0.98 -0.01
C MET A 158 -8.78 0.98 -0.53
N LYS A 159 -9.71 1.41 0.31
CA LYS A 159 -11.13 1.36 -0.05
C LYS A 159 -11.88 2.55 0.50
N ARG A 160 -13.14 2.69 0.07
CA ARG A 160 -14.07 3.57 0.77
C ARG A 160 -13.48 4.94 1.04
N ASN A 161 -13.04 5.63 -0.03
CA ASN A 161 -12.78 7.07 0.01
C ASN A 161 -11.53 7.43 0.76
N ALA A 162 -10.68 6.45 1.00
CA ALA A 162 -9.37 6.75 1.59
C ALA A 162 -8.65 7.69 0.63
N GLU A 163 -7.86 8.63 1.16
CA GLU A 163 -7.29 9.64 0.22
C GLU A 163 -6.02 10.25 0.84
N TYR A 164 -5.13 10.80 0.00
CA TYR A 164 -3.87 11.42 0.44
C TYR A 164 -2.98 10.39 1.09
N ILE A 165 -2.52 9.43 0.30
CA ILE A 165 -1.80 8.30 0.86
C ILE A 165 -0.53 8.15 0.06
N THR A 166 0.58 7.92 0.76
CA THR A 166 1.86 7.63 0.09
C THR A 166 2.36 6.28 0.60
N VAL A 167 2.70 5.41 -0.35
CA VAL A 167 3.23 4.09 -0.07
C VAL A 167 4.65 4.07 -0.66
N SER A 168 5.68 4.02 0.21
CA SER A 168 7.04 4.30 -0.25
C SER A 168 8.08 3.35 0.36
N TRP A 169 9.07 2.95 -0.44
CA TRP A 169 10.23 2.24 0.15
C TRP A 169 9.88 0.88 0.80
N ASN A 170 8.74 0.29 0.42
CA ASN A 170 8.37 -1.01 0.96
C ASN A 170 8.78 -2.12 0.01
N LYS A 171 8.93 -3.33 0.55
CA LYS A 171 9.03 -4.52 -0.27
C LYS A 171 7.69 -5.25 -0.21
N PHE A 172 7.16 -5.59 -1.37
CA PHE A 172 5.95 -6.41 -1.50
C PHE A 172 6.39 -7.66 -2.25
N GLU A 173 6.30 -8.84 -1.65
CA GLU A 173 6.86 -10.01 -2.30
C GLU A 173 6.00 -11.25 -2.08
N ASN A 174 6.17 -12.23 -2.97
CA ASN A 174 5.60 -13.56 -2.74
C ASN A 174 4.13 -13.50 -2.39
N HIS A 175 3.31 -13.08 -3.34
CA HIS A 175 1.90 -12.87 -3.04
C HIS A 175 1.07 -12.91 -4.33
N TRP A 176 -0.18 -13.36 -4.22
CA TRP A 176 -1.10 -13.30 -5.36
C TRP A 176 -1.71 -11.90 -5.62
N LYS A 177 -2.69 -11.50 -4.80
CA LYS A 177 -3.47 -10.30 -5.03
C LYS A 177 -2.87 -9.13 -4.27
N THR A 178 -1.95 -8.39 -4.90
CA THR A 178 -1.04 -7.56 -4.13
C THR A 178 -1.69 -6.31 -3.51
N MET A 179 -2.29 -5.46 -4.33
CA MET A 179 -2.70 -4.15 -3.86
C MET A 179 -3.96 -3.72 -4.60
N LEU A 180 -4.94 -3.26 -3.84
CA LEU A 180 -6.19 -2.81 -4.43
C LEU A 180 -6.39 -1.35 -4.10
N VAL A 181 -6.98 -0.60 -5.03
CA VAL A 181 -7.42 0.77 -4.77
C VAL A 181 -8.87 0.86 -5.24
N GLY A 182 -9.83 0.71 -4.32
CA GLY A 182 -11.25 0.71 -4.71
C GLY A 182 -11.66 -0.74 -4.85
N HIS A 183 -12.59 -1.20 -4.00
CA HIS A 183 -12.92 -2.64 -3.89
C HIS A 183 -14.06 -3.01 -4.82
N THR A 184 -14.87 -2.03 -5.18
CA THR A 184 -16.00 -2.27 -6.05
C THR A 184 -16.12 -1.16 -7.10
N ASP A 185 -16.84 -1.41 -8.19
CA ASP A 185 -17.09 -0.39 -9.22
C ASP A 185 -18.18 0.57 -8.74
N ASN A 186 -17.93 1.24 -7.62
CA ASN A 186 -18.83 2.25 -7.12
C ASN A 186 -18.05 3.55 -6.99
N ALA A 187 -18.29 4.52 -7.88
CA ALA A 187 -17.46 5.74 -7.88
C ALA A 187 -17.58 6.50 -6.57
N SER A 188 -18.73 6.38 -5.91
CA SER A 188 -18.98 7.15 -4.70
C SER A 188 -18.11 6.66 -3.55
N LEU A 189 -17.62 5.42 -3.64
CA LEU A 189 -16.75 4.85 -2.59
C LEU A 189 -15.29 4.85 -2.98
N ALA A 190 -14.95 5.38 -4.16
CA ALA A 190 -13.56 5.28 -4.65
C ALA A 190 -12.57 6.05 -3.77
N PRO A 191 -11.45 5.42 -3.42
CA PRO A 191 -10.34 6.22 -2.92
C PRO A 191 -9.81 7.17 -4.01
N ASP A 192 -8.90 8.05 -3.63
CA ASP A 192 -8.27 8.97 -4.61
C ASP A 192 -6.92 9.41 -4.04
N LYS A 193 -6.03 9.86 -4.93
CA LYS A 193 -4.81 10.57 -4.52
C LYS A 193 -3.86 9.69 -3.74
N ILE A 194 -3.33 8.71 -4.46
CA ILE A 194 -2.38 7.76 -3.90
C ILE A 194 -1.04 7.87 -4.62
N THR A 195 0.06 7.93 -3.88
CA THR A 195 1.41 7.90 -4.49
C THR A 195 2.11 6.60 -4.11
N TYR A 196 2.75 5.91 -5.07
CA TYR A 196 3.60 4.74 -4.79
C TYR A 196 4.97 5.05 -5.33
N HIS A 197 6.02 5.04 -4.50
CA HIS A 197 7.36 5.29 -5.04
C HIS A 197 8.42 4.52 -4.33
N HIS A 198 9.48 4.15 -5.06
CA HIS A 198 10.60 3.41 -4.47
C HIS A 198 10.21 2.12 -3.77
N ASN A 199 9.14 1.47 -4.24
CA ASN A 199 8.78 0.15 -3.70
C ASN A 199 9.42 -0.93 -4.53
N TYR A 200 9.64 -2.08 -3.91
CA TYR A 200 10.09 -3.28 -4.60
C TYR A 200 8.88 -4.21 -4.68
N PHE A 201 8.44 -4.52 -5.89
CA PHE A 201 7.30 -5.39 -6.15
C PHE A 201 7.83 -6.64 -6.82
N ASN A 202 7.89 -7.76 -6.09
CA ASN A 202 8.70 -8.91 -6.54
C ASN A 202 7.99 -10.24 -6.35
N ASN A 203 7.86 -11.00 -7.43
CA ASN A 203 7.27 -12.34 -7.37
C ASN A 203 5.82 -12.30 -6.93
N LEU A 204 5.01 -11.58 -7.72
CA LEU A 204 3.63 -11.33 -7.40
C LEU A 204 2.81 -11.83 -8.59
N ASN A 205 1.54 -12.14 -8.39
CA ASN A 205 0.70 -12.53 -9.51
C ASN A 205 0.04 -11.35 -10.20
N SER A 206 -0.66 -10.51 -9.41
CA SER A 206 -1.43 -9.44 -10.00
C SER A 206 -1.67 -8.31 -8.99
N ARG A 207 -2.37 -7.29 -9.48
CA ARG A 207 -2.78 -6.14 -8.70
C ARG A 207 -1.62 -5.30 -8.20
N VAL A 208 -0.91 -4.65 -9.12
CA VAL A 208 0.25 -3.89 -8.67
C VAL A 208 0.23 -2.45 -9.18
N PRO A 209 -0.79 -1.69 -8.81
CA PRO A 209 -1.98 -2.10 -8.06
C PRO A 209 -3.13 -2.33 -9.03
N LEU A 210 -4.24 -2.85 -8.48
CA LEU A 210 -5.53 -2.78 -9.17
C LEU A 210 -6.14 -1.42 -8.81
N ILE A 211 -6.31 -0.54 -9.79
CA ILE A 211 -6.79 0.81 -9.50
C ILE A 211 -8.15 1.05 -10.13
N ARG A 212 -9.16 1.37 -9.32
CA ARG A 212 -10.45 1.85 -9.83
C ARG A 212 -10.60 3.33 -9.48
N TYR A 213 -11.03 4.13 -10.45
CA TYR A 213 -11.40 5.56 -10.29
C TYR A 213 -10.26 6.52 -9.97
N ALA A 214 -9.34 6.08 -9.12
CA ALA A 214 -8.38 6.98 -8.46
C ALA A 214 -7.32 7.62 -9.38
N ASP A 215 -6.87 8.82 -8.99
CA ASP A 215 -5.66 9.43 -9.52
C ASP A 215 -4.52 8.88 -8.70
N VAL A 216 -3.53 8.32 -9.40
CA VAL A 216 -2.41 7.64 -8.73
C VAL A 216 -1.10 8.02 -9.43
N HIS A 217 -0.03 8.21 -8.66
CA HIS A 217 1.29 8.48 -9.25
C HIS A 217 2.21 7.34 -8.80
N MET A 218 2.84 6.64 -9.74
CA MET A 218 3.77 5.58 -9.39
C MET A 218 5.10 5.96 -10.01
N PHE A 219 6.10 6.23 -9.17
CA PHE A 219 7.43 6.56 -9.73
C PHE A 219 8.56 5.82 -9.04
N ASN A 220 9.58 5.47 -9.82
CA ASN A 220 10.81 4.94 -9.22
C ASN A 220 10.57 3.64 -8.44
N ASN A 221 9.61 2.84 -8.89
CA ASN A 221 9.45 1.50 -8.27
C ASN A 221 10.20 0.50 -9.10
N TYR A 222 10.49 -0.64 -8.51
CA TYR A 222 11.15 -1.73 -9.21
C TYR A 222 10.16 -2.92 -9.21
N PHE A 223 9.60 -3.23 -10.38
CA PHE A 223 8.68 -4.34 -10.56
C PHE A 223 9.50 -5.51 -11.11
N LYS A 224 9.39 -6.69 -10.49
CA LYS A 224 10.19 -7.83 -10.91
C LYS A 224 9.42 -9.13 -10.77
N ASP A 225 9.46 -9.93 -11.82
CA ASP A 225 8.88 -11.28 -11.77
C ASP A 225 7.42 -11.20 -11.38
N ILE A 226 6.65 -10.44 -12.15
CA ILE A 226 5.21 -10.33 -11.90
C ILE A 226 4.53 -11.28 -12.88
N ASN A 227 3.85 -12.28 -12.35
CA ASN A 227 3.42 -13.40 -13.18
C ASN A 227 2.33 -13.08 -14.21
N ASP A 228 1.28 -12.35 -13.81
CA ASP A 228 0.14 -12.14 -14.72
C ASP A 228 0.05 -10.72 -15.25
N THR A 229 -0.18 -9.76 -14.35
CA THR A 229 -0.31 -8.36 -14.73
C THR A 229 0.18 -7.46 -13.62
N ALA A 230 0.59 -6.25 -13.95
CA ALA A 230 1.01 -5.31 -12.89
C ALA A 230 -0.03 -4.21 -12.68
N ILE A 231 0.16 -3.07 -13.33
CA ILE A 231 -0.73 -1.94 -13.06
C ILE A 231 -2.02 -2.09 -13.88
N ASN A 232 -3.15 -2.14 -13.20
CA ASN A 232 -4.43 -2.35 -13.85
C ASN A 232 -5.30 -1.12 -13.61
N SER A 233 -5.57 -0.35 -14.66
CA SER A 233 -6.20 0.94 -14.49
C SER A 233 -7.63 0.84 -15.03
N ARG A 234 -8.61 1.03 -14.16
CA ARG A 234 -10.00 0.72 -14.47
C ARG A 234 -10.94 1.88 -14.18
N VAL A 235 -12.08 1.88 -14.87
CA VAL A 235 -13.12 2.86 -14.61
C VAL A 235 -12.66 4.29 -14.32
N GLY A 236 -11.88 4.85 -15.25
CA GLY A 236 -11.58 6.27 -15.24
C GLY A 236 -10.43 6.63 -14.31
N ALA A 237 -9.85 5.64 -13.65
CA ALA A 237 -8.56 5.86 -13.00
C ALA A 237 -7.56 6.57 -13.91
N ARG A 238 -6.65 7.34 -13.31
CA ARG A 238 -5.58 7.99 -14.06
C ARG A 238 -4.28 7.70 -13.33
N VAL A 239 -3.38 6.97 -13.98
CA VAL A 239 -2.14 6.65 -13.29
C VAL A 239 -0.95 7.18 -14.07
N PHE A 240 -0.11 7.97 -13.42
CA PHE A 240 1.07 8.49 -14.09
C PHE A 240 2.18 7.52 -13.69
N VAL A 241 2.73 6.82 -14.67
CA VAL A 241 3.64 5.73 -14.44
C VAL A 241 4.97 6.27 -14.92
N GLU A 242 5.82 6.61 -13.97
CA GLU A 242 7.00 7.47 -14.25
C GLU A 242 8.35 6.91 -13.78
N ASN A 243 9.30 6.71 -14.70
CA ASN A 243 10.65 6.30 -14.32
C ASN A 243 10.63 5.09 -13.38
N ASN A 244 9.86 4.05 -13.73
CA ASN A 244 9.89 2.79 -12.99
C ASN A 244 10.71 1.81 -13.78
N TYR A 245 11.25 0.80 -13.09
CA TYR A 245 12.03 -0.24 -13.77
C TYR A 245 11.22 -1.54 -13.71
N PHE A 246 10.91 -2.12 -14.88
CA PHE A 246 10.17 -3.39 -14.94
C PHE A 246 11.04 -4.50 -15.50
N ASP A 247 11.05 -5.65 -14.84
CA ASP A 247 11.86 -6.78 -15.29
C ASP A 247 11.02 -8.04 -15.20
N ASN A 248 10.75 -8.67 -16.35
CA ASN A 248 9.92 -9.89 -16.41
C ASN A 248 8.53 -9.66 -15.82
N VAL A 249 7.80 -8.71 -16.39
CA VAL A 249 6.52 -8.31 -15.79
C VAL A 249 5.41 -8.61 -16.81
N GLY A 250 4.50 -9.53 -16.46
CA GLY A 250 3.32 -9.76 -17.27
C GLY A 250 3.44 -11.01 -18.12
N SER A 251 2.31 -11.68 -18.36
CA SER A 251 2.36 -12.96 -19.07
C SER A 251 2.48 -12.78 -20.58
N GLY A 252 2.11 -11.61 -21.09
CA GLY A 252 2.17 -11.39 -22.53
C GLY A 252 0.95 -11.94 -23.26
N GLN A 253 0.03 -12.58 -22.52
CA GLN A 253 -1.17 -13.16 -23.13
C GLN A 253 -2.29 -12.12 -23.28
N ALA A 254 -3.13 -12.29 -24.28
CA ALA A 254 -4.33 -11.47 -24.40
C ALA A 254 -5.28 -11.75 -23.24
N ASP A 255 -5.66 -10.71 -22.52
CA ASP A 255 -6.65 -10.84 -21.46
C ASP A 255 -7.97 -11.34 -22.07
N PRO A 256 -8.52 -12.44 -21.52
CA PRO A 256 -9.72 -13.02 -22.13
C PRO A 256 -10.96 -12.17 -21.92
N THR A 257 -10.87 -11.17 -21.05
CA THR A 257 -12.02 -10.29 -20.84
C THR A 257 -11.89 -8.97 -21.62
N THR A 258 -10.75 -8.29 -21.47
CA THR A 258 -10.57 -6.98 -22.09
C THR A 258 -9.79 -7.02 -23.40
N GLY A 259 -9.17 -8.15 -23.71
CA GLY A 259 -8.37 -8.24 -24.94
C GLY A 259 -6.98 -7.61 -24.85
N PHE A 260 -6.71 -6.90 -23.76
CA PHE A 260 -5.45 -6.17 -23.59
C PHE A 260 -4.30 -7.15 -23.34
N ILE A 261 -3.12 -6.91 -23.93
CA ILE A 261 -1.96 -7.75 -23.67
C ILE A 261 -1.50 -7.63 -22.20
N LYS A 262 -1.40 -8.75 -21.51
CA LYS A 262 -1.05 -8.73 -20.11
C LYS A 262 0.41 -8.33 -19.87
N GLY A 263 0.59 -7.23 -19.15
CA GLY A 263 1.89 -6.64 -19.00
C GLY A 263 1.99 -5.65 -17.85
N PRO A 264 2.83 -4.65 -18.02
CA PRO A 264 3.15 -3.71 -16.96
C PRO A 264 1.99 -2.73 -16.65
N VAL A 265 1.18 -2.41 -17.65
CA VAL A 265 0.07 -1.48 -17.41
C VAL A 265 -1.00 -1.75 -18.47
N GLY A 266 -2.26 -1.63 -18.08
CA GLY A 266 -3.34 -1.85 -19.04
C GLY A 266 -4.65 -1.94 -18.28
N TRP A 267 -5.68 -2.46 -18.94
CA TRP A 267 -6.99 -2.67 -18.38
C TRP A 267 -7.21 -4.18 -18.46
N PHE A 268 -7.39 -4.82 -17.31
CA PHE A 268 -7.42 -6.28 -17.24
C PHE A 268 -8.59 -6.78 -16.38
N TYR A 269 -9.06 -8.00 -16.66
CA TYR A 269 -9.92 -8.75 -15.76
C TYR A 269 -11.40 -8.31 -15.66
N GLY A 270 -11.65 -7.01 -15.60
CA GLY A 270 -13.02 -6.60 -15.32
C GLY A 270 -13.25 -5.12 -15.20
N SER A 271 -14.43 -4.78 -14.68
CA SER A 271 -14.99 -3.43 -14.68
C SER A 271 -15.51 -3.07 -16.08
N PRO A 272 -16.55 -2.23 -16.13
CA PRO A 272 -17.26 -1.93 -17.40
C PRO A 272 -16.48 -1.02 -18.34
N SER A 273 -15.49 -0.26 -17.87
CA SER A 273 -14.76 0.66 -18.74
C SER A 273 -13.31 0.81 -18.27
N THR A 274 -12.47 1.33 -19.15
CA THR A 274 -11.04 1.37 -18.89
C THR A 274 -10.68 2.53 -17.98
N GLY A 275 -9.50 2.43 -17.35
CA GLY A 275 -8.82 3.58 -16.77
C GLY A 275 -7.77 4.09 -17.77
N TYR A 276 -6.96 5.08 -17.37
CA TYR A 276 -6.04 5.75 -18.30
C TYR A 276 -4.66 5.75 -17.69
N TRP A 277 -3.62 5.96 -18.51
CA TRP A 277 -2.25 5.98 -18.00
C TRP A 277 -1.43 7.02 -18.75
N ASN A 278 -0.50 7.65 -18.02
CA ASN A 278 0.45 8.59 -18.61
C ASN A 278 1.80 7.97 -18.39
N LEU A 279 2.55 7.70 -19.46
CA LEU A 279 3.76 6.91 -19.33
C LEU A 279 4.97 7.75 -19.70
N ARG A 280 5.93 7.81 -18.79
CA ARG A 280 7.17 8.52 -19.09
C ARG A 280 8.38 7.86 -18.43
N GLY A 281 9.46 7.66 -19.21
CA GLY A 281 10.76 7.30 -18.66
C GLY A 281 10.88 5.92 -18.04
N ASN A 282 9.92 5.04 -18.30
CA ASN A 282 10.00 3.69 -17.75
C ASN A 282 10.97 2.82 -18.54
N VAL A 283 11.51 1.80 -17.89
CA VAL A 283 12.42 0.89 -18.56
C VAL A 283 11.79 -0.49 -18.46
N PHE A 284 11.76 -1.21 -19.58
CA PHE A 284 11.04 -2.48 -19.64
C PHE A 284 12.01 -3.55 -20.11
N VAL A 285 12.27 -4.54 -19.27
CA VAL A 285 13.13 -5.64 -19.65
C VAL A 285 12.29 -6.92 -19.61
N ASN A 286 12.27 -7.65 -20.71
CA ASN A 286 11.41 -8.85 -20.85
C ASN A 286 10.01 -8.56 -20.34
N THR A 287 9.46 -7.45 -20.79
CA THR A 287 8.18 -6.98 -20.30
C THR A 287 7.43 -6.39 -21.49
N PRO A 288 6.29 -7.00 -21.91
CA PRO A 288 5.59 -6.51 -23.11
C PRO A 288 5.34 -5.00 -23.06
N ASN A 289 5.64 -4.28 -24.14
CA ASN A 289 5.44 -2.83 -24.12
C ASN A 289 5.29 -2.15 -25.50
N SER A 290 5.44 -2.92 -26.57
CA SER A 290 5.35 -2.33 -27.92
C SER A 290 3.97 -1.69 -28.20
N HIS A 291 2.95 -2.17 -27.53
CA HIS A 291 1.60 -1.63 -27.72
C HIS A 291 1.37 -0.26 -27.04
N LEU A 292 2.24 0.11 -26.12
CA LEU A 292 1.84 1.00 -25.02
C LEU A 292 2.03 2.49 -25.22
N ASN A 293 0.92 3.22 -25.37
CA ASN A 293 1.00 4.67 -25.38
C ASN A 293 0.18 5.37 -24.27
N SER A 294 0.52 6.62 -23.98
CA SER A 294 -0.21 7.38 -22.97
C SER A 294 -1.62 7.65 -23.42
N THR A 295 -2.58 7.51 -22.51
CA THR A 295 -3.96 7.84 -22.80
C THR A 295 -4.48 8.95 -21.91
N THR A 296 -3.62 9.48 -21.05
CA THR A 296 -3.96 10.69 -20.30
C THR A 296 -2.67 11.53 -20.15
N ASN A 297 -2.84 12.84 -19.98
CA ASN A 297 -1.71 13.74 -19.71
C ASN A 297 -1.54 13.97 -18.19
N PHE A 298 -2.35 13.25 -17.39
CA PHE A 298 -2.43 13.43 -15.94
C PHE A 298 -1.07 13.53 -15.28
N THR A 299 -0.90 14.57 -14.48
CA THR A 299 0.33 14.79 -13.73
C THR A 299 -0.15 15.22 -12.36
N PRO A 300 0.51 14.73 -11.29
CA PRO A 300 -0.01 15.02 -9.94
C PRO A 300 0.26 16.46 -9.51
N PRO A 301 -0.54 16.99 -8.58
CA PRO A 301 -0.45 18.41 -8.20
C PRO A 301 0.70 18.76 -7.23
N TYR A 302 1.62 17.86 -6.96
CA TYR A 302 2.64 18.20 -5.95
C TYR A 302 4.05 18.24 -6.54
N SER A 303 4.95 18.91 -5.81
CA SER A 303 6.37 18.91 -6.12
C SER A 303 6.98 17.58 -5.65
N TYR A 304 8.06 17.15 -6.27
CA TYR A 304 8.71 15.90 -5.92
C TYR A 304 10.06 15.75 -6.60
N GLN A 305 10.85 14.79 -6.13
CA GLN A 305 12.14 14.48 -6.74
C GLN A 305 12.05 13.06 -7.32
N VAL A 306 12.63 12.87 -8.50
CA VAL A 306 12.48 11.58 -9.17
C VAL A 306 13.77 11.18 -9.88
N GLN A 307 14.24 9.96 -9.58
CA GLN A 307 15.48 9.45 -10.15
C GLN A 307 15.21 8.87 -11.51
N SER A 308 16.26 8.56 -12.28
CA SER A 308 16.02 7.79 -13.50
C SER A 308 15.56 6.38 -13.09
N ALA A 309 14.99 5.61 -14.02
CA ALA A 309 14.52 4.27 -13.65
C ALA A 309 15.64 3.40 -13.15
N THR A 310 16.80 3.50 -13.79
CA THR A 310 17.93 2.66 -13.40
C THR A 310 18.56 3.08 -12.07
N GLN A 311 18.60 4.38 -11.80
CA GLN A 311 19.03 4.88 -10.49
C GLN A 311 18.03 4.40 -9.42
N ALA A 312 16.75 4.49 -9.72
CA ALA A 312 15.72 4.00 -8.80
C ALA A 312 15.85 2.48 -8.51
N LYS A 313 16.11 1.68 -9.54
CA LYS A 313 16.28 0.24 -9.34
C LYS A 313 17.34 -0.02 -8.26
N SER A 314 18.50 0.59 -8.45
CA SER A 314 19.60 0.42 -7.51
C SER A 314 19.26 0.95 -6.09
N SER A 315 18.59 2.10 -6.00
CA SER A 315 18.27 2.63 -4.65
C SER A 315 17.24 1.75 -3.92
N VAL A 316 16.30 1.23 -4.70
CA VAL A 316 15.29 0.34 -4.14
C VAL A 316 15.94 -0.96 -3.65
N GLU A 317 16.82 -1.53 -4.46
CA GLU A 317 17.56 -2.72 -4.05
C GLU A 317 18.30 -2.49 -2.74
N GLN A 318 18.88 -1.31 -2.59
CA GLN A 318 19.69 -1.04 -1.41
C GLN A 318 18.93 -0.63 -0.16
N HIS A 319 17.85 0.13 -0.32
CA HIS A 319 17.25 0.84 0.81
C HIS A 319 15.76 0.61 1.08
N SER A 320 15.09 -0.22 0.29
CA SER A 320 13.69 -0.51 0.62
C SER A 320 13.60 -1.55 1.74
N GLY A 321 12.44 -1.66 2.40
CA GLY A 321 12.21 -2.71 3.39
C GLY A 321 12.63 -2.31 4.80
N VAL A 322 12.67 -3.30 5.71
CA VAL A 322 12.93 -3.02 7.11
C VAL A 322 14.43 -2.98 7.45
N GLY A 323 14.72 -2.46 8.64
CA GLY A 323 16.07 -2.41 9.18
C GLY A 323 16.90 -1.34 8.49
N VAL A 324 16.25 -0.45 7.75
CA VAL A 324 16.95 0.63 7.06
C VAL A 324 16.81 1.97 7.79
N ILE A 325 15.59 2.38 8.09
CA ILE A 325 15.33 3.66 8.77
C ILE A 325 15.48 3.55 10.29
N ASN A 326 15.26 2.36 10.85
CA ASN A 326 15.65 2.03 12.23
C ASN A 326 16.68 0.91 12.21
#